data_7DS3
#
_entry.id   7DS3
#
_cell.length_a   51.510
_cell.length_b   67.640
_cell.length_c   164.960
_cell.angle_alpha   90.000
_cell.angle_beta   90.000
_cell.angle_gamma   90.000
#
_symmetry.space_group_name_H-M   'P 21 21 21'
#
loop_
_entity.id
_entity.type
_entity.pdbx_description
1 polymer 'F-actin-capping protein subunit alpha-1'
2 polymer 'F-actin-capping protein subunit beta isoforms 1'
3 polymer Twinfilin-2
4 water water
#
loop_
_entity_poly.entity_id
_entity_poly.type
_entity_poly.pdbx_seq_one_letter_code
_entity_poly.pdbx_strand_id
1 'polypeptide(L)'
;MADFEDRVSDEEKVRIAAKFITHAPPGEFNEVFNDVRLLLNNDNLLREGAAHAFAQYNMDQFTPVKIEGYDDQVLITEHG
DLGNGRFLDPRNKISFKFDHLRKEASDPQPEDTESALKQWRDACDSALRAYVKDHYPNGFCTVYGKSIDGQQTIIACIES
HQFQPKNFWNGRWRSEWKFTITPPTAQVAAVLKIQVHYYEDGNVQLVSHKDIQDSVQVSSDVQTAKEFIKIIENAENEYQ
TAISENYQTMSDTTFKALRRQLPVTRTKIDWNKILSYKIGKEMQNA
;
A
2 'polypeptide(L)'
;MSDQQLDCALDLMRRLPPQQIEKNLSDLIDLVPSLCEDLLSSVDQPLKIARDKVVGKDYLLCDYNRDGDSYRSPWSNKYD
PPLEDGAMPSARLRKLEVEANNAFDQYRDLYFEGGVSSVYLWDLDHGFAGVILIKKAGDGSKKIKGCWDSIHVVEVQEKS
SGRTAHYKLTSTVMLWLQTNKTGSGTMNLGGSLTRQMEKDETVSDSSPHIANIGRLVEDMENKIRSTLNEIYFGKTKDIV
NGLR
;
B
3 'polypeptide(L)' KQHAFKQAFAKPKGPGGKRGHKRLIRGPGE C
#
# COMPACT_ATOMS: atom_id res chain seq x y z
N ARG A 7 1.33 24.08 -17.68
CA ARG A 7 0.08 24.71 -17.24
C ARG A 7 -1.05 23.69 -17.17
N VAL A 8 -1.16 23.01 -16.02
CA VAL A 8 -2.23 22.03 -15.83
C VAL A 8 -3.56 22.76 -15.71
N SER A 9 -4.57 22.26 -16.42
CA SER A 9 -5.89 22.88 -16.34
C SER A 9 -6.44 22.76 -14.92
N ASP A 10 -7.28 23.73 -14.56
CA ASP A 10 -7.91 23.71 -13.24
C ASP A 10 -8.74 22.44 -13.06
N GLU A 11 -9.40 21.99 -14.13
CA GLU A 11 -10.24 20.80 -14.03
C GLU A 11 -9.41 19.55 -13.75
N GLU A 12 -8.28 19.41 -14.43
CA GLU A 12 -7.41 18.27 -14.15
C GLU A 12 -6.74 18.40 -12.80
N LYS A 13 -6.42 19.62 -12.37
CA LYS A 13 -5.89 19.84 -11.03
C LYS A 13 -6.86 19.33 -9.98
N VAL A 14 -8.13 19.72 -10.09
CA VAL A 14 -9.16 19.28 -9.14
C VAL A 14 -9.33 17.77 -9.20
N ARG A 15 -9.41 17.21 -10.41
CA ARG A 15 -9.62 15.78 -10.53
C ARG A 15 -8.53 14.98 -9.82
N ILE A 16 -7.27 15.33 -10.08
CA ILE A 16 -6.16 14.60 -9.47
C ILE A 16 -6.15 14.81 -7.96
N ALA A 17 -6.41 16.04 -7.52
CA ALA A 17 -6.50 16.33 -6.09
C ALA A 17 -7.59 15.51 -5.43
N ALA A 18 -8.74 15.40 -6.09
CA ALA A 18 -9.84 14.58 -5.58
C ALA A 18 -9.45 13.11 -5.49
N LYS A 19 -8.67 12.62 -6.44
CA LYS A 19 -8.22 11.23 -6.39
C LYS A 19 -7.34 10.99 -5.18
N PHE A 20 -6.43 11.92 -4.90
CA PHE A 20 -5.51 11.76 -3.77
C PHE A 20 -6.27 11.81 -2.45
N ILE A 21 -7.19 12.77 -2.30
CA ILE A 21 -7.89 12.94 -1.03
C ILE A 21 -8.73 11.69 -0.70
N THR A 22 -9.45 11.16 -1.70
CA THR A 22 -10.30 9.99 -1.46
C THR A 22 -9.51 8.75 -1.10
N HIS A 23 -8.19 8.73 -1.31
CA HIS A 23 -7.35 7.59 -1.00
C HIS A 23 -6.43 7.84 0.19
N ALA A 24 -6.69 8.89 0.97
CA ALA A 24 -5.92 9.11 2.18
C ALA A 24 -6.15 7.98 3.18
N PRO A 25 -5.11 7.52 3.86
CA PRO A 25 -5.29 6.52 4.92
C PRO A 25 -6.10 7.09 6.07
N PRO A 26 -6.75 6.24 6.86
CA PRO A 26 -7.50 6.74 8.01
C PRO A 26 -6.58 7.43 8.98
N GLY A 27 -7.04 8.56 9.52
CA GLY A 27 -6.25 9.36 10.42
C GLY A 27 -5.19 10.21 9.76
N GLU A 28 -5.09 10.20 8.43
CA GLU A 28 -4.09 10.99 7.72
C GLU A 28 -4.72 11.91 6.69
N PHE A 29 -6.00 12.22 6.84
CA PHE A 29 -6.67 13.14 5.91
C PHE A 29 -6.01 14.50 5.90
N ASN A 30 -5.65 15.04 7.07
CA ASN A 30 -5.11 16.39 7.13
C ASN A 30 -3.75 16.49 6.48
N GLU A 31 -2.90 15.46 6.67
CA GLU A 31 -1.58 15.48 6.05
C GLU A 31 -1.69 15.36 4.53
N VAL A 32 -2.61 14.52 4.02
CA VAL A 32 -2.78 14.40 2.58
C VAL A 32 -3.37 15.68 2.01
N PHE A 33 -4.35 16.26 2.70
CA PHE A 33 -4.94 17.52 2.25
C PHE A 33 -3.89 18.62 2.18
N ASN A 34 -3.06 18.75 3.22
CA ASN A 34 -2.04 19.78 3.22
CA ASN A 34 -2.04 19.80 3.22
C ASN A 34 -1.04 19.58 2.10
N ASP A 35 -0.70 18.32 1.81
CA ASP A 35 0.18 18.03 0.67
C ASP A 35 -0.47 18.48 -0.62
N VAL A 36 -1.74 18.12 -0.82
CA VAL A 36 -2.45 18.47 -2.04
C VAL A 36 -2.63 19.97 -2.15
N ARG A 37 -2.86 20.63 -1.01
CA ARG A 37 -3.02 22.09 -1.02
C ARG A 37 -1.76 22.76 -1.54
N LEU A 38 -0.59 22.37 -1.03
CA LEU A 38 0.65 23.00 -1.45
C LEU A 38 1.02 22.62 -2.87
N LEU A 39 0.69 21.41 -3.31
CA LEU A 39 0.94 21.03 -4.70
C LEU A 39 0.06 21.81 -5.66
N LEU A 40 -1.20 22.05 -5.29
CA LEU A 40 -2.11 22.76 -6.18
C LEU A 40 -1.76 24.24 -6.28
N ASN A 41 -1.42 24.86 -5.14
CA ASN A 41 -1.10 26.28 -5.08
C ASN A 41 -2.28 27.13 -5.54
N ASN A 42 -3.48 26.77 -5.08
CA ASN A 42 -4.71 27.49 -5.44
C ASN A 42 -5.80 27.01 -4.48
N ASP A 43 -5.88 27.68 -3.32
CA ASP A 43 -6.75 27.22 -2.23
C ASP A 43 -8.22 27.28 -2.61
N ASN A 44 -8.65 28.35 -3.28
CA ASN A 44 -10.06 28.50 -3.62
C ASN A 44 -10.49 27.41 -4.61
N LEU A 45 -9.60 27.03 -5.52
CA LEU A 45 -9.92 25.94 -6.44
C LEU A 45 -10.04 24.61 -5.71
N LEU A 46 -9.14 24.35 -4.76
CA LEU A 46 -9.17 23.10 -4.02
C LEU A 46 -10.41 23.01 -3.15
N ARG A 47 -10.78 24.10 -2.47
CA ARG A 47 -11.89 24.04 -1.55
C ARG A 47 -13.24 23.97 -2.26
N GLU A 48 -13.33 24.55 -3.46
CA GLU A 48 -14.58 24.53 -4.20
C GLU A 48 -14.67 23.34 -5.16
N GLY A 49 -13.55 23.01 -5.83
CA GLY A 49 -13.59 21.91 -6.78
C GLY A 49 -13.65 20.54 -6.13
N ALA A 50 -12.85 20.33 -5.08
CA ALA A 50 -12.78 19.03 -4.42
C ALA A 50 -13.77 18.91 -3.26
N ALA A 51 -14.88 19.64 -3.29
CA ALA A 51 -15.85 19.55 -2.20
C ALA A 51 -16.47 18.16 -2.15
N HIS A 52 -16.86 17.62 -3.30
CA HIS A 52 -17.46 16.28 -3.32
C HIS A 52 -16.48 15.22 -2.85
N ALA A 53 -15.19 15.41 -3.08
CA ALA A 53 -14.19 14.45 -2.61
C ALA A 53 -14.10 14.43 -1.09
N PHE A 54 -14.23 15.59 -0.45
CA PHE A 54 -14.21 15.64 1.01
C PHE A 54 -15.37 14.82 1.57
N ALA A 55 -16.58 15.07 1.07
CA ALA A 55 -17.75 14.34 1.54
C ALA A 55 -17.64 12.86 1.25
N GLN A 56 -17.19 12.51 0.04
CA GLN A 56 -17.02 11.10 -0.33
C GLN A 56 -16.11 10.38 0.65
N TYR A 57 -15.02 11.04 1.05
CA TYR A 57 -14.08 10.42 1.98
C TYR A 57 -14.75 10.15 3.33
N ASN A 58 -15.47 11.13 3.86
CA ASN A 58 -16.06 10.96 5.19
C ASN A 58 -17.12 9.87 5.19
N MET A 59 -17.97 9.83 4.17
CA MET A 59 -19.01 8.80 4.09
C MET A 59 -18.41 7.42 3.86
N ASP A 60 -17.36 7.33 3.03
CA ASP A 60 -16.71 6.03 2.83
C ASP A 60 -16.01 5.55 4.09
N GLN A 61 -15.49 6.47 4.90
CA GLN A 61 -14.73 6.12 6.09
C GLN A 61 -15.57 5.97 7.34
N PHE A 62 -16.89 6.21 7.26
CA PHE A 62 -17.78 6.16 8.42
C PHE A 62 -17.25 7.07 9.53
N THR A 63 -16.87 8.29 9.16
CA THR A 63 -16.24 9.23 10.09
C THR A 63 -17.16 9.51 11.28
N PRO A 64 -16.74 9.22 12.50
CA PRO A 64 -17.60 9.52 13.67
C PRO A 64 -17.54 10.99 14.02
N VAL A 65 -18.69 11.53 14.44
CA VAL A 65 -18.83 12.95 14.68
C VAL A 65 -19.63 13.16 15.96
N LYS A 66 -19.13 14.03 16.83
CA LYS A 66 -19.80 14.38 18.06
C LYS A 66 -20.68 15.62 17.84
N ILE A 67 -21.96 15.51 18.18
CA ILE A 67 -22.88 16.63 18.15
C ILE A 67 -23.03 17.17 19.56
N GLU A 68 -23.09 18.50 19.68
CA GLU A 68 -23.28 19.12 20.99
C GLU A 68 -24.70 18.88 21.49
N GLY A 69 -24.83 18.56 22.77
CA GLY A 69 -26.11 18.31 23.38
C GLY A 69 -26.53 16.85 23.41
N TYR A 70 -25.74 15.96 22.82
CA TYR A 70 -26.04 14.55 22.77
C TYR A 70 -24.78 13.77 23.11
N ASP A 71 -24.95 12.53 23.57
CA ASP A 71 -23.84 11.86 24.23
C ASP A 71 -22.98 10.98 23.32
N ASP A 72 -23.58 10.07 22.54
CA ASP A 72 -22.74 9.24 21.72
C ASP A 72 -22.73 9.76 20.29
N GLN A 73 -21.62 9.51 19.60
CA GLN A 73 -21.38 10.14 18.33
C GLN A 73 -22.20 9.46 17.23
N VAL A 74 -22.26 10.12 16.08
CA VAL A 74 -22.99 9.62 14.93
C VAL A 74 -22.00 9.51 13.78
N LEU A 75 -22.23 8.50 12.93
CA LEU A 75 -21.36 8.21 11.81
C LEU A 75 -21.84 8.94 10.56
N ILE A 76 -20.88 9.48 9.80
CA ILE A 76 -21.17 10.09 8.51
C ILE A 76 -21.17 8.97 7.48
N THR A 77 -22.34 8.69 6.89
CA THR A 77 -22.47 7.64 5.90
C THR A 77 -23.35 8.12 4.76
N GLU A 78 -23.37 7.35 3.67
CA GLU A 78 -24.24 7.67 2.55
C GLU A 78 -25.70 7.49 2.92
N HIS A 79 -26.00 6.63 3.90
CA HIS A 79 -27.38 6.37 4.30
C HIS A 79 -27.99 7.52 5.10
N GLY A 80 -27.17 8.35 5.73
CA GLY A 80 -27.66 9.51 6.44
C GLY A 80 -27.61 10.80 5.65
N ASP A 81 -27.09 10.77 4.43
CA ASP A 81 -26.97 11.95 3.59
C ASP A 81 -28.37 12.43 3.20
N LEU A 82 -28.79 13.57 3.78
CA LEU A 82 -30.09 14.17 3.47
C LEU A 82 -30.00 15.15 2.32
N GLY A 83 -28.81 15.45 1.83
CA GLY A 83 -28.63 16.46 0.81
C GLY A 83 -28.44 17.82 1.44
N ASN A 84 -27.92 18.75 0.65
CA ASN A 84 -27.70 20.15 1.07
C ASN A 84 -26.80 20.26 2.30
N GLY A 85 -25.86 19.36 2.44
CA GLY A 85 -24.90 19.42 3.54
C GLY A 85 -25.45 18.97 4.87
N ARG A 86 -26.56 18.24 4.90
CA ARG A 86 -27.20 17.81 6.14
C ARG A 86 -27.17 16.29 6.24
N PHE A 87 -26.95 15.80 7.46
CA PHE A 87 -26.94 14.37 7.74
C PHE A 87 -27.91 14.07 8.87
N LEU A 88 -28.45 12.85 8.87
CA LEU A 88 -29.45 12.43 9.83
C LEU A 88 -28.80 11.67 10.97
N ASP A 89 -29.16 12.04 12.21
CA ASP A 89 -28.86 11.26 13.39
C ASP A 89 -30.10 10.47 13.78
N PRO A 90 -30.22 9.22 13.34
CA PRO A 90 -31.47 8.47 13.58
C PRO A 90 -31.65 8.03 15.02
N ARG A 91 -30.60 8.08 15.84
CA ARG A 91 -30.75 7.73 17.25
C ARG A 91 -31.34 8.89 18.05
N ASN A 92 -30.77 10.09 17.91
CA ASN A 92 -31.28 11.26 18.59
C ASN A 92 -32.35 12.00 17.79
N LYS A 93 -32.78 11.44 16.66
CA LYS A 93 -33.91 11.98 15.88
C LYS A 93 -33.69 13.45 15.51
N ILE A 94 -32.49 13.76 15.02
CA ILE A 94 -32.13 15.12 14.64
C ILE A 94 -31.35 15.09 13.34
N SER A 95 -31.40 16.20 12.61
CA SER A 95 -30.55 16.45 11.46
C SER A 95 -29.58 17.58 11.80
N PHE A 96 -28.44 17.59 11.13
CA PHE A 96 -27.40 18.55 11.47
C PHE A 96 -26.58 18.90 10.24
N LYS A 97 -26.10 20.13 10.21
CA LYS A 97 -25.18 20.59 9.18
C LYS A 97 -23.78 20.05 9.49
N PHE A 98 -23.05 19.69 8.44
CA PHE A 98 -21.72 19.12 8.61
C PHE A 98 -20.75 19.73 7.61
N ASP A 99 -19.65 20.29 8.11
CA ASP A 99 -18.55 20.74 7.27
C ASP A 99 -17.62 19.56 7.04
N HIS A 100 -17.56 19.08 5.80
CA HIS A 100 -16.76 17.90 5.50
C HIS A 100 -15.27 18.15 5.60
N LEU A 101 -14.83 19.41 5.45
CA LEU A 101 -13.40 19.68 5.48
C LEU A 101 -12.91 19.79 6.92
N ARG A 102 -13.64 20.50 7.77
CA ARG A 102 -13.24 20.71 9.16
C ARG A 102 -13.77 19.64 10.11
N LYS A 103 -14.66 18.76 9.63
CA LYS A 103 -15.23 17.68 10.45
C LYS A 103 -15.91 18.25 11.70
N GLU A 104 -16.87 19.14 11.46
CA GLU A 104 -17.57 19.82 12.54
C GLU A 104 -19.06 19.87 12.24
N ALA A 105 -19.88 19.43 13.19
CA ALA A 105 -21.33 19.41 13.04
C ALA A 105 -21.93 20.68 13.64
N SER A 106 -23.04 21.12 13.05
CA SER A 106 -23.68 22.34 13.51
C SER A 106 -25.17 22.28 13.21
N ASP A 107 -25.90 23.21 13.81
CA ASP A 107 -27.32 23.39 13.58
C ASP A 107 -28.15 22.12 13.81
N PRO A 108 -28.03 21.48 15.01
CA PRO A 108 -28.85 20.31 15.27
C PRO A 108 -30.32 20.66 15.26
N GLN A 109 -31.13 20.01 14.41
CA GLN A 109 -32.53 20.42 14.31
C GLN A 109 -33.43 19.19 14.23
N PRO A 110 -34.52 19.15 15.02
CA PRO A 110 -35.26 17.90 15.19
C PRO A 110 -35.83 17.34 13.89
N GLU A 111 -36.05 16.03 13.88
CA GLU A 111 -36.65 15.34 12.75
C GLU A 111 -37.72 14.37 13.23
N ALA A 116 -42.85 4.45 10.67
CA ALA A 116 -43.18 3.23 9.94
C ALA A 116 -42.25 2.09 10.36
N LEU A 117 -40.96 2.38 10.40
CA LEU A 117 -39.95 1.38 10.73
C LEU A 117 -39.09 1.82 11.91
N LYS A 118 -39.39 2.97 12.52
CA LYS A 118 -38.56 3.50 13.60
C LYS A 118 -38.50 2.55 14.79
N GLN A 119 -39.58 1.82 15.06
CA GLN A 119 -39.57 0.87 16.17
C GLN A 119 -38.57 -0.25 15.92
N TRP A 120 -38.55 -0.76 14.70
CA TRP A 120 -37.57 -1.80 14.36
C TRP A 120 -36.14 -1.24 14.37
N ARG A 121 -35.97 -0.01 13.88
CA ARG A 121 -34.65 0.61 13.91
C ARG A 121 -34.19 0.86 15.34
N ASP A 122 -35.12 1.08 16.26
CA ASP A 122 -34.74 1.39 17.64
C ASP A 122 -34.28 0.15 18.39
N ALA A 123 -34.95 -0.98 18.18
CA ALA A 123 -34.55 -2.22 18.84
C ALA A 123 -33.18 -2.68 18.34
N CYS A 124 -32.94 -2.59 17.04
CA CYS A 124 -31.63 -2.96 16.51
C CYS A 124 -30.55 -2.03 17.03
N ASP A 125 -30.84 -0.73 17.10
CA ASP A 125 -29.86 0.23 17.59
C ASP A 125 -29.51 -0.03 19.05
N SER A 126 -30.51 -0.38 19.87
CA SER A 126 -30.24 -0.66 21.28
C SER A 126 -29.35 -1.88 21.44
N ALA A 127 -29.63 -2.95 20.68
CA ALA A 127 -28.81 -4.14 20.77
C ALA A 127 -27.43 -3.94 20.15
N LEU A 128 -27.33 -3.12 19.10
CA LEU A 128 -26.02 -2.88 18.49
C LEU A 128 -25.17 -1.98 19.36
N ARG A 129 -25.78 -0.96 19.97
CA ARG A 129 -25.04 -0.07 20.86
C ARG A 129 -24.30 -0.84 21.95
N ALA A 130 -24.96 -1.83 22.56
CA ALA A 130 -24.32 -2.62 23.60
C ALA A 130 -23.25 -3.54 23.02
N TYR A 131 -23.54 -4.18 21.89
CA TYR A 131 -22.55 -5.04 21.25
C TYR A 131 -21.27 -4.28 20.98
N VAL A 132 -21.38 -3.02 20.51
CA VAL A 132 -20.21 -2.24 20.16
C VAL A 132 -19.41 -1.87 21.41
N LYS A 133 -20.10 -1.45 22.47
CA LYS A 133 -19.41 -1.13 23.72
C LYS A 133 -18.72 -2.35 24.32
N ASP A 134 -19.25 -3.54 24.06
CA ASP A 134 -18.68 -4.77 24.61
C ASP A 134 -17.51 -5.32 23.79
N HIS A 135 -17.47 -5.05 22.49
CA HIS A 135 -16.50 -5.69 21.61
C HIS A 135 -15.45 -4.76 21.06
N TYR A 136 -15.57 -3.44 21.24
CA TYR A 136 -14.65 -2.50 20.66
C TYR A 136 -14.07 -1.59 21.73
N PRO A 137 -12.84 -1.08 21.53
CA PRO A 137 -12.26 -0.15 22.50
C PRO A 137 -12.86 1.24 22.41
N ASN A 138 -13.14 1.71 21.18
CA ASN A 138 -13.68 3.04 20.97
CA ASN A 138 -13.69 3.05 20.98
C ASN A 138 -14.65 3.03 19.80
N GLY A 139 -15.52 2.04 19.74
CA GLY A 139 -16.43 1.91 18.62
C GLY A 139 -17.61 2.86 18.68
N PHE A 140 -18.17 3.12 17.51
CA PHE A 140 -19.41 3.87 17.39
C PHE A 140 -20.28 3.15 16.38
N CYS A 141 -21.59 3.42 16.45
CA CYS A 141 -22.48 2.75 15.52
C CYS A 141 -23.69 3.63 15.25
N THR A 142 -24.30 3.43 14.08
CA THR A 142 -25.49 4.15 13.66
C THR A 142 -26.35 3.19 12.86
N VAL A 143 -27.64 3.14 13.17
CA VAL A 143 -28.58 2.22 12.52
C VAL A 143 -29.64 3.04 11.80
N TYR A 144 -29.89 2.72 10.54
CA TYR A 144 -30.86 3.41 9.71
C TYR A 144 -32.03 2.49 9.37
N GLY A 145 -33.07 3.10 8.81
CA GLY A 145 -34.23 2.36 8.32
C GLY A 145 -34.79 2.96 7.06
N LYS A 146 -34.73 2.21 5.96
CA LYS A 146 -35.15 2.71 4.66
C LYS A 146 -36.00 1.65 3.95
N SER A 147 -36.44 1.99 2.74
CA SER A 147 -37.30 1.11 1.96
C SER A 147 -36.84 1.16 0.50
N ILE A 148 -36.09 0.14 0.08
CA ILE A 148 -35.61 0.05 -1.30
C ILE A 148 -36.55 -0.86 -2.06
N ASP A 149 -37.13 -0.33 -3.14
CA ASP A 149 -38.10 -1.05 -3.99
C ASP A 149 -39.16 -1.76 -3.14
N GLY A 150 -39.67 -1.04 -2.13
CA GLY A 150 -40.72 -1.58 -1.28
C GLY A 150 -40.26 -2.51 -0.18
N GLN A 151 -39.01 -2.97 -0.23
CA GLN A 151 -38.49 -3.88 0.79
C GLN A 151 -37.92 -3.06 1.94
N GLN A 152 -38.46 -3.24 3.14
CA GLN A 152 -37.97 -2.53 4.32
C GLN A 152 -36.58 -3.04 4.69
N THR A 153 -35.64 -2.10 4.83
CA THR A 153 -34.24 -2.46 5.04
C THR A 153 -33.71 -1.76 6.28
N ILE A 154 -33.03 -2.52 7.13
CA ILE A 154 -32.31 -1.98 8.29
C ILE A 154 -30.83 -2.01 7.95
N ILE A 155 -30.18 -0.85 8.04
CA ILE A 155 -28.77 -0.70 7.70
C ILE A 155 -28.02 -0.35 8.98
N ALA A 156 -27.18 -1.28 9.45
CA ALA A 156 -26.34 -1.06 10.62
C ALA A 156 -24.90 -0.80 10.19
N CYS A 157 -24.30 0.25 10.74
CA CYS A 157 -22.94 0.65 10.41
C CYS A 157 -22.12 0.80 11.69
N ILE A 158 -20.89 0.31 11.65
CA ILE A 158 -20.00 0.29 12.81
C ILE A 158 -18.64 0.85 12.41
N GLU A 159 -18.06 1.68 13.28
CA GLU A 159 -16.74 2.24 13.05
C GLU A 159 -15.91 2.14 14.33
N SER A 160 -14.63 1.86 14.17
CA SER A 160 -13.70 1.85 15.28
C SER A 160 -12.31 2.12 14.75
N HIS A 161 -11.62 3.11 15.32
CA HIS A 161 -10.31 3.48 14.82
C HIS A 161 -9.37 3.75 15.98
N GLN A 162 -8.08 3.64 15.69
CA GLN A 162 -7.02 4.05 16.60
C GLN A 162 -5.98 4.81 15.81
N PHE A 163 -5.79 6.09 16.14
CA PHE A 163 -4.81 6.93 15.47
C PHE A 163 -3.65 7.16 16.43
N GLN A 164 -2.48 6.64 16.08
CA GLN A 164 -1.27 6.82 16.90
C GLN A 164 -0.12 7.32 16.03
N PRO A 165 -0.25 8.51 15.45
CA PRO A 165 0.85 9.03 14.61
C PRO A 165 2.14 9.27 15.38
N LYS A 166 2.08 9.25 16.71
CA LYS A 166 3.29 9.36 17.52
C LYS A 166 4.08 8.06 17.51
N ASN A 167 3.40 6.94 17.28
CA ASN A 167 4.04 5.65 17.07
C ASN A 167 4.03 5.24 15.60
N PHE A 168 3.60 6.15 14.72
CA PHE A 168 3.67 5.98 13.27
C PHE A 168 2.76 4.84 12.79
N TRP A 169 1.51 4.84 13.25
CA TRP A 169 0.54 3.92 12.68
C TRP A 169 -0.88 4.40 12.96
N ASN A 170 -1.79 4.01 12.07
CA ASN A 170 -3.23 4.27 12.20
C ASN A 170 -3.98 3.05 11.71
N GLY A 171 -5.17 2.85 12.25
CA GLY A 171 -6.01 1.73 11.85
C GLY A 171 -7.47 2.06 12.01
N ARG A 172 -8.30 1.42 11.20
CA ARG A 172 -9.73 1.65 11.27
C ARG A 172 -10.49 0.40 10.86
N TRP A 173 -11.57 0.10 11.58
CA TRP A 173 -12.49 -0.98 11.28
C TRP A 173 -13.82 -0.39 10.84
N ARG A 174 -14.42 -1.00 9.83
CA ARG A 174 -15.73 -0.59 9.33
C ARG A 174 -16.54 -1.83 9.01
N SER A 175 -17.80 -1.87 9.45
CA SER A 175 -18.70 -2.90 9.00
C SER A 175 -20.03 -2.25 8.65
N GLU A 176 -20.71 -2.83 7.65
CA GLU A 176 -22.01 -2.36 7.20
C GLU A 176 -22.90 -3.57 7.01
N TRP A 177 -24.05 -3.56 7.69
CA TRP A 177 -24.97 -4.70 7.68
C TRP A 177 -26.32 -4.23 7.17
N LYS A 178 -26.84 -4.94 6.17
CA LYS A 178 -28.15 -4.66 5.61
C LYS A 178 -29.06 -5.85 5.87
N PHE A 179 -30.21 -5.60 6.49
CA PHE A 179 -31.21 -6.62 6.76
C PHE A 179 -32.45 -6.27 5.95
N THR A 180 -32.79 -7.11 4.98
CA THR A 180 -33.99 -6.92 4.17
C THR A 180 -35.12 -7.70 4.81
N ILE A 181 -36.13 -6.98 5.31
CA ILE A 181 -37.20 -7.57 6.11
C ILE A 181 -38.32 -8.01 5.16
N THR A 182 -38.41 -9.31 4.91
CA THR A 182 -39.50 -9.91 4.14
C THR A 182 -40.07 -11.05 4.98
N PRO A 183 -40.84 -10.73 6.02
CA PRO A 183 -41.24 -11.75 7.01
C PRO A 183 -41.92 -12.94 6.36
N PRO A 184 -41.69 -14.16 6.88
CA PRO A 184 -40.91 -14.42 8.09
C PRO A 184 -39.42 -14.66 7.84
N THR A 185 -38.87 -14.11 6.76
CA THR A 185 -37.47 -14.28 6.44
C THR A 185 -36.79 -12.91 6.33
N ALA A 186 -35.51 -12.87 6.67
CA ALA A 186 -34.72 -11.64 6.55
C ALA A 186 -33.38 -12.00 5.93
N GLN A 187 -33.07 -11.38 4.80
CA GLN A 187 -31.83 -11.65 4.09
C GLN A 187 -30.73 -10.71 4.60
N VAL A 188 -29.56 -11.28 4.84
CA VAL A 188 -28.44 -10.54 5.43
C VAL A 188 -27.35 -10.39 4.37
N ALA A 189 -26.95 -9.15 4.10
CA ALA A 189 -25.80 -8.84 3.27
C ALA A 189 -24.92 -7.84 4.00
N ALA A 190 -23.61 -8.11 4.04
CA ALA A 190 -22.71 -7.28 4.83
C ALA A 190 -21.33 -7.25 4.21
N VAL A 191 -20.60 -6.17 4.52
CA VAL A 191 -19.19 -6.04 4.18
C VAL A 191 -18.42 -5.57 5.41
N LEU A 192 -17.32 -6.25 5.72
CA LEU A 192 -16.43 -5.85 6.79
C LEU A 192 -15.13 -5.36 6.18
N LYS A 193 -14.59 -4.27 6.73
CA LYS A 193 -13.42 -3.62 6.14
C LYS A 193 -12.40 -3.28 7.22
N ILE A 194 -11.12 -3.53 6.91
CA ILE A 194 -10.01 -3.16 7.77
C ILE A 194 -8.96 -2.43 6.94
N GLN A 195 -8.39 -1.37 7.52
CA GLN A 195 -7.31 -0.62 6.88
C GLN A 195 -6.31 -0.20 7.94
N VAL A 196 -5.05 -0.57 7.75
CA VAL A 196 -3.97 -0.29 8.70
C VAL A 196 -2.78 0.28 7.94
N HIS A 197 -2.14 1.30 8.51
CA HIS A 197 -0.97 1.92 7.90
C HIS A 197 0.11 2.06 8.97
N TYR A 198 1.28 1.49 8.72
CA TYR A 198 2.43 1.56 9.63
C TYR A 198 3.63 2.05 8.82
N TYR A 199 4.35 3.04 9.36
CA TYR A 199 5.31 3.75 8.54
C TYR A 199 6.48 4.29 9.37
N GLU A 200 6.97 3.51 10.32
CA GLU A 200 8.15 3.89 11.09
C GLU A 200 9.40 3.45 10.33
N ASP A 201 10.15 4.42 9.80
CA ASP A 201 11.36 4.16 9.02
C ASP A 201 11.07 3.23 7.85
N GLY A 202 9.89 3.37 7.26
CA GLY A 202 9.46 2.47 6.20
C GLY A 202 8.00 2.72 5.87
N ASN A 203 7.34 1.68 5.36
CA ASN A 203 5.94 1.81 4.94
C ASN A 203 5.30 0.46 4.69
N VAL A 204 4.16 0.21 5.35
CA VAL A 204 3.36 -0.97 5.07
C VAL A 204 1.89 -0.61 5.28
N GLN A 205 1.04 -1.14 4.41
CA GLN A 205 -0.40 -0.92 4.53
C GLN A 205 -1.13 -2.24 4.39
N LEU A 206 -2.08 -2.47 5.27
CA LEU A 206 -3.00 -3.60 5.17
C LEU A 206 -4.36 -3.09 4.72
N VAL A 207 -4.93 -3.74 3.72
CA VAL A 207 -6.30 -3.47 3.28
C VAL A 207 -7.00 -4.81 3.15
N SER A 208 -8.16 -4.92 3.78
CA SER A 208 -8.88 -6.19 3.80
C SER A 208 -10.37 -5.94 3.84
N HIS A 209 -11.12 -6.83 3.20
CA HIS A 209 -12.56 -6.79 3.27
C HIS A 209 -13.11 -8.20 3.12
N LYS A 210 -14.33 -8.39 3.63
CA LYS A 210 -15.01 -9.67 3.55
C LYS A 210 -16.50 -9.44 3.36
N ASP A 211 -17.11 -10.19 2.45
CA ASP A 211 -18.54 -10.09 2.20
C ASP A 211 -19.27 -11.19 2.97
N ILE A 212 -20.46 -10.85 3.46
CA ILE A 212 -21.28 -11.76 4.26
C ILE A 212 -22.65 -11.88 3.61
N GLN A 213 -23.15 -13.11 3.52
CA GLN A 213 -24.50 -13.39 3.07
C GLN A 213 -25.13 -14.38 4.02
N ASP A 214 -26.35 -14.10 4.48
CA ASP A 214 -27.01 -14.94 5.47
C ASP A 214 -28.51 -14.69 5.40
N SER A 215 -29.26 -15.42 6.22
CA SER A 215 -30.71 -15.31 6.30
C SER A 215 -31.15 -15.39 7.76
N VAL A 216 -32.36 -14.89 8.01
CA VAL A 216 -32.87 -14.76 9.37
C VAL A 216 -34.37 -15.00 9.35
N GLN A 217 -34.87 -15.73 10.36
CA GLN A 217 -36.30 -15.83 10.58
C GLN A 217 -36.77 -14.60 11.36
N VAL A 218 -37.81 -13.96 10.87
CA VAL A 218 -38.32 -12.73 11.46
C VAL A 218 -39.44 -13.07 12.44
N SER A 219 -39.45 -12.37 13.56
CA SER A 219 -40.54 -12.47 14.52
C SER A 219 -40.81 -11.09 15.12
N SER A 220 -40.67 -10.97 16.44
CA SER A 220 -40.81 -9.67 17.07
C SER A 220 -39.57 -8.81 16.83
N ASP A 221 -39.73 -7.51 16.98
CA ASP A 221 -38.61 -6.60 16.76
C ASP A 221 -37.50 -6.83 17.78
N VAL A 222 -37.87 -7.12 19.03
CA VAL A 222 -36.87 -7.29 20.07
C VAL A 222 -36.09 -8.59 19.86
N GLN A 223 -36.80 -9.68 19.54
CA GLN A 223 -36.13 -10.95 19.28
C GLN A 223 -35.22 -10.85 18.05
N THR A 224 -35.77 -10.38 16.94
CA THR A 224 -34.99 -10.26 15.72
C THR A 224 -33.77 -9.37 15.91
N ALA A 225 -33.88 -8.35 16.75
CA ALA A 225 -32.72 -7.52 17.06
C ALA A 225 -31.62 -8.33 17.74
N LYS A 226 -32.00 -9.27 18.61
CA LYS A 226 -31.00 -10.13 19.24
C LYS A 226 -30.40 -11.10 18.24
N GLU A 227 -31.23 -11.64 17.34
CA GLU A 227 -30.70 -12.54 16.31
C GLU A 227 -29.82 -11.79 15.31
N PHE A 228 -30.14 -10.52 15.03
CA PHE A 228 -29.33 -9.73 14.12
C PHE A 228 -27.94 -9.50 14.69
N ILE A 229 -27.87 -9.09 15.96
CA ILE A 229 -26.58 -8.78 16.58
C ILE A 229 -25.76 -10.05 16.76
N LYS A 230 -26.41 -11.19 17.00
CA LYS A 230 -25.67 -12.43 17.21
C LYS A 230 -24.91 -12.83 15.94
N ILE A 231 -25.55 -12.69 14.77
CA ILE A 231 -24.85 -13.00 13.52
C ILE A 231 -23.73 -11.99 13.28
N ILE A 232 -23.99 -10.72 13.57
CA ILE A 232 -22.93 -9.70 13.51
C ILE A 232 -21.75 -10.13 14.39
N GLU A 233 -22.04 -10.51 15.62
CA GLU A 233 -20.99 -10.91 16.54
C GLU A 233 -20.25 -12.14 16.05
N ASN A 234 -20.98 -13.14 15.54
CA ASN A 234 -20.35 -14.36 15.07
CA ASN A 234 -20.35 -14.36 15.07
C ASN A 234 -19.46 -14.09 13.85
N ALA A 235 -19.98 -13.35 12.86
CA ALA A 235 -19.20 -13.11 11.66
C ALA A 235 -17.98 -12.24 11.94
N GLU A 236 -18.14 -11.20 12.75
CA GLU A 236 -17.02 -10.30 13.02
C GLU A 236 -15.95 -10.99 13.88
N ASN A 237 -16.37 -11.81 14.84
CA ASN A 237 -15.39 -12.61 15.59
C ASN A 237 -14.65 -13.57 14.67
N GLU A 238 -15.38 -14.27 13.80
CA GLU A 238 -14.75 -15.21 12.89
C GLU A 238 -13.84 -14.50 11.89
N TYR A 239 -14.26 -13.32 11.41
CA TYR A 239 -13.43 -12.56 10.49
C TYR A 239 -12.13 -12.15 11.16
N GLN A 240 -12.21 -11.58 12.36
CA GLN A 240 -11.00 -11.11 13.04
C GLN A 240 -10.06 -12.26 13.37
N THR A 241 -10.62 -13.40 13.79
CA THR A 241 -9.78 -14.56 14.07
C THR A 241 -9.13 -15.09 12.80
N ALA A 242 -9.89 -15.15 11.70
CA ALA A 242 -9.31 -15.62 10.46
C ALA A 242 -8.19 -14.72 9.99
N ILE A 243 -8.34 -13.40 10.17
CA ILE A 243 -7.28 -12.46 9.81
C ILE A 243 -6.00 -12.81 10.57
N SER A 244 -6.12 -13.04 11.88
CA SER A 244 -4.94 -13.34 12.69
C SER A 244 -4.30 -14.67 12.27
N GLU A 245 -5.11 -15.68 11.96
CA GLU A 245 -4.56 -16.96 11.55
C GLU A 245 -4.00 -16.94 10.14
N ASN A 246 -4.57 -16.12 9.24
CA ASN A 246 -4.03 -16.03 7.90
C ASN A 246 -2.68 -15.33 7.86
N TYR A 247 -2.36 -14.54 8.89
CA TYR A 247 -1.03 -13.97 9.01
C TYR A 247 0.04 -15.07 9.10
N GLN A 248 -0.19 -16.05 10.00
CA GLN A 248 0.75 -17.15 10.14
C GLN A 248 0.84 -17.95 8.84
N THR A 249 -0.30 -18.17 8.17
CA THR A 249 -0.29 -18.83 6.88
C THR A 249 0.55 -18.03 5.87
N MET A 250 0.46 -16.71 5.92
CA MET A 250 1.27 -15.87 5.04
C MET A 250 2.74 -15.94 5.42
N SER A 251 3.05 -16.04 6.72
CA SER A 251 4.43 -15.99 7.20
C SER A 251 5.27 -17.19 6.77
N ASP A 252 4.66 -18.22 6.16
CA ASP A 252 5.44 -19.39 5.76
C ASP A 252 4.87 -20.15 4.57
N THR A 253 4.01 -19.52 3.76
CA THR A 253 3.53 -20.18 2.55
C THR A 253 3.60 -19.26 1.34
N THR A 254 2.89 -18.14 1.39
CA THR A 254 2.84 -17.26 0.22
C THR A 254 3.97 -16.23 0.22
N PHE A 255 4.43 -15.79 1.40
CA PHE A 255 5.67 -15.02 1.44
C PHE A 255 6.83 -15.84 0.90
N LYS A 256 6.89 -17.12 1.31
CA LYS A 256 7.85 -18.06 0.74
C LYS A 256 7.74 -18.14 -0.77
N ALA A 257 6.54 -17.97 -1.32
CA ALA A 257 6.35 -18.03 -2.77
C ALA A 257 6.99 -16.86 -3.49
N LEU A 258 7.22 -15.74 -2.78
CA LEU A 258 7.87 -14.59 -3.40
C LEU A 258 9.38 -14.64 -3.23
N ARG A 259 9.87 -14.96 -2.03
CA ARG A 259 11.29 -15.17 -1.83
C ARG A 259 11.49 -16.10 -0.63
N ARG A 260 12.34 -17.11 -0.81
CA ARG A 260 12.61 -18.04 0.27
C ARG A 260 13.43 -17.36 1.37
N GLN A 261 13.36 -17.95 2.57
CA GLN A 261 14.24 -17.52 3.65
C GLN A 261 15.67 -17.98 3.40
N LEU A 262 15.82 -19.18 2.82
CA LEU A 262 17.10 -19.75 2.44
C LEU A 262 16.87 -20.65 1.23
N PRO A 263 17.91 -20.94 0.46
CA PRO A 263 17.76 -21.89 -0.64
C PRO A 263 17.40 -23.28 -0.12
N VAL A 264 17.01 -24.14 -1.06
CA VAL A 264 16.64 -25.52 -0.73
C VAL A 264 17.75 -26.27 0.00
N THR A 265 19.00 -25.84 -0.18
CA THR A 265 20.12 -26.47 0.52
C THR A 265 20.18 -26.09 2.00
N ARG A 266 19.30 -25.21 2.47
CA ARG A 266 19.26 -24.79 3.87
C ARG A 266 20.58 -24.17 4.31
N THR A 267 21.30 -23.56 3.37
CA THR A 267 22.55 -22.88 3.66
C THR A 267 22.66 -21.65 2.76
N LYS A 268 23.48 -20.70 3.19
CA LYS A 268 23.71 -19.50 2.39
C LYS A 268 24.63 -19.82 1.21
N ILE A 269 24.50 -19.03 0.14
CA ILE A 269 25.11 -19.36 -1.14
C ILE A 269 26.64 -19.36 -1.02
N ASP A 270 27.27 -20.37 -1.62
CA ASP A 270 28.72 -20.40 -1.81
C ASP A 270 29.05 -19.64 -3.09
N TRP A 271 29.51 -18.39 -2.94
CA TRP A 271 29.65 -17.53 -4.11
C TRP A 271 30.82 -17.94 -5.00
N ASN A 272 31.89 -18.50 -4.42
CA ASN A 272 33.01 -18.96 -5.23
C ASN A 272 32.56 -20.07 -6.17
N LYS A 273 31.68 -20.96 -5.68
CA LYS A 273 31.15 -21.98 -6.55
C LYS A 273 30.30 -21.37 -7.66
N ILE A 274 29.55 -20.32 -7.33
CA ILE A 274 28.71 -19.65 -8.32
C ILE A 274 29.55 -19.14 -9.48
N LEU A 275 30.69 -18.51 -9.17
CA LEU A 275 31.51 -17.87 -10.18
C LEU A 275 32.36 -18.85 -10.97
N SER A 276 32.75 -19.98 -10.36
CA SER A 276 33.58 -20.96 -11.04
C SER A 276 32.73 -21.97 -11.81
N ASP B 3 12.36 21.40 -2.92
CA ASP B 3 11.83 22.45 -2.07
C ASP B 3 10.61 21.98 -1.28
N GLN B 4 9.68 22.90 -1.03
CA GLN B 4 8.51 22.55 -0.23
C GLN B 4 7.58 21.62 -0.99
N GLN B 5 7.40 21.86 -2.29
CA GLN B 5 6.49 21.03 -3.09
C GLN B 5 7.02 19.60 -3.19
N LEU B 6 8.33 19.45 -3.36
CA LEU B 6 8.90 18.11 -3.45
C LEU B 6 8.73 17.34 -2.14
N ASP B 7 8.91 18.03 -1.01
CA ASP B 7 8.70 17.37 0.28
C ASP B 7 7.25 16.94 0.45
N CYS B 8 6.31 17.79 0.01
CA CYS B 8 4.90 17.41 0.04
C CYS B 8 4.62 16.21 -0.85
N ALA B 9 5.23 16.18 -2.04
CA ALA B 9 5.03 15.08 -2.97
C ALA B 9 5.59 13.77 -2.43
N LEU B 10 6.78 13.82 -1.82
CA LEU B 10 7.35 12.61 -1.24
C LEU B 10 6.54 12.13 -0.06
N ASP B 11 6.06 13.05 0.77
CA ASP B 11 5.19 12.65 1.88
C ASP B 11 3.91 12.02 1.36
N LEU B 12 3.34 12.59 0.28
CA LEU B 12 2.15 12.01 -0.33
C LEU B 12 2.40 10.59 -0.80
N MET B 13 3.53 10.35 -1.46
CA MET B 13 3.86 9.01 -1.94
C MET B 13 3.99 8.01 -0.79
N ARG B 14 4.39 8.48 0.40
CA ARG B 14 4.52 7.60 1.55
C ARG B 14 3.18 7.23 2.17
N ARG B 15 2.13 8.02 1.93
CA ARG B 15 0.83 7.76 2.52
C ARG B 15 -0.14 7.06 1.57
N LEU B 16 -0.05 7.32 0.27
CA LEU B 16 -0.95 6.70 -0.70
C LEU B 16 -0.71 5.19 -0.75
N PRO B 17 -1.71 4.42 -1.18
CA PRO B 17 -1.58 2.95 -1.18
C PRO B 17 -0.41 2.50 -2.04
N PRO B 18 0.49 1.67 -1.48
CA PRO B 18 1.71 1.31 -2.22
C PRO B 18 1.49 0.49 -3.47
N GLN B 19 0.37 -0.24 -3.58
CA GLN B 19 0.15 -1.05 -4.77
C GLN B 19 -0.09 -0.21 -6.01
N GLN B 20 -0.54 1.04 -5.86
CA GLN B 20 -0.84 1.93 -6.97
C GLN B 20 0.22 3.02 -7.10
N ILE B 21 1.48 2.67 -6.86
CA ILE B 21 2.54 3.68 -6.84
C ILE B 21 2.78 4.24 -8.23
N GLU B 22 2.69 3.39 -9.26
CA GLU B 22 2.90 3.87 -10.62
C GLU B 22 1.85 4.88 -11.02
N LYS B 23 0.58 4.59 -10.72
CA LYS B 23 -0.49 5.55 -11.01
C LYS B 23 -0.34 6.82 -10.19
N ASN B 24 -0.03 6.69 -8.90
CA ASN B 24 0.12 7.86 -8.05
C ASN B 24 1.30 8.72 -8.50
N LEU B 25 2.39 8.08 -8.92
CA LEU B 25 3.51 8.83 -9.46
C LEU B 25 3.15 9.52 -10.77
N SER B 26 2.42 8.82 -11.64
CA SER B 26 2.00 9.43 -12.91
C SER B 26 1.03 10.57 -12.68
N ASP B 27 0.07 10.40 -11.76
CA ASP B 27 -0.83 11.49 -11.44
C ASP B 27 -0.09 12.65 -10.78
N LEU B 28 0.94 12.35 -9.98
CA LEU B 28 1.71 13.40 -9.33
C LEU B 28 2.47 14.25 -10.34
N ILE B 29 3.12 13.59 -11.31
CA ILE B 29 3.83 14.33 -12.34
C ILE B 29 2.85 15.07 -13.25
N ASP B 30 1.69 14.46 -13.52
CA ASP B 30 0.62 15.17 -14.22
C ASP B 30 0.19 16.41 -13.45
N LEU B 31 0.23 16.34 -12.12
CA LEU B 31 -0.23 17.46 -11.30
C LEU B 31 0.79 18.60 -11.31
N VAL B 32 2.05 18.30 -11.05
CA VAL B 32 3.13 19.30 -11.06
C VAL B 32 4.23 18.85 -12.00
N PRO B 33 4.18 19.21 -13.29
CA PRO B 33 5.18 18.68 -14.24
C PRO B 33 6.62 19.05 -13.90
N SER B 34 6.85 20.16 -13.22
CA SER B 34 8.20 20.60 -12.91
C SER B 34 8.91 19.69 -11.91
N LEU B 35 8.16 18.85 -11.18
CA LEU B 35 8.78 17.97 -10.20
C LEU B 35 9.25 16.64 -10.81
N CYS B 36 9.06 16.46 -12.12
CA CYS B 36 9.23 15.14 -12.74
C CYS B 36 10.62 14.57 -12.45
N GLU B 37 11.67 15.33 -12.76
CA GLU B 37 13.03 14.81 -12.63
C GLU B 37 13.38 14.54 -11.16
N ASP B 38 12.96 15.42 -10.25
CA ASP B 38 13.25 15.20 -8.83
C ASP B 38 12.44 14.03 -8.27
N LEU B 39 11.17 13.92 -8.68
CA LEU B 39 10.33 12.83 -8.20
C LEU B 39 10.87 11.48 -8.64
N LEU B 40 11.22 11.37 -9.91
CA LEU B 40 11.78 10.12 -10.43
C LEU B 40 13.16 9.82 -9.85
N SER B 41 13.87 10.84 -9.37
CA SER B 41 15.16 10.61 -8.73
C SER B 41 15.02 10.20 -7.27
N SER B 42 13.85 10.42 -6.67
CA SER B 42 13.66 10.17 -5.25
C SER B 42 12.68 9.07 -4.94
N VAL B 43 11.97 8.53 -5.93
CA VAL B 43 10.94 7.51 -5.72
C VAL B 43 11.28 6.29 -6.56
N ASP B 44 11.38 5.13 -5.92
CA ASP B 44 11.60 3.89 -6.65
C ASP B 44 10.28 3.37 -7.20
N GLN B 45 10.33 2.87 -8.43
CA GLN B 45 9.11 2.36 -9.03
C GLN B 45 9.19 0.85 -9.20
N PRO B 46 8.05 0.15 -9.21
CA PRO B 46 8.08 -1.28 -9.52
C PRO B 46 8.72 -1.53 -10.88
N LEU B 47 9.45 -2.64 -10.97
CA LEU B 47 10.25 -2.92 -12.15
C LEU B 47 9.39 -3.40 -13.30
N LYS B 48 9.75 -3.00 -14.51
CA LYS B 48 9.07 -3.43 -15.73
C LYS B 48 9.98 -4.36 -16.51
N ILE B 49 9.38 -5.39 -17.11
CA ILE B 49 10.10 -6.41 -17.85
C ILE B 49 10.09 -6.03 -19.33
N ALA B 50 11.23 -6.20 -19.98
CA ALA B 50 11.35 -6.10 -21.43
C ALA B 50 11.90 -7.41 -21.96
N ARG B 51 11.77 -7.62 -23.27
CA ARG B 51 12.17 -8.86 -23.91
C ARG B 51 13.33 -8.59 -24.87
N ASP B 52 14.46 -9.25 -24.63
CA ASP B 52 15.58 -9.25 -25.57
C ASP B 52 15.26 -10.25 -26.65
N LYS B 53 14.74 -9.77 -27.79
CA LYS B 53 14.31 -10.66 -28.86
C LYS B 53 15.47 -11.33 -29.57
N VAL B 54 16.70 -10.89 -29.35
CA VAL B 54 17.85 -11.51 -30.02
C VAL B 54 18.24 -12.80 -29.32
N VAL B 55 18.44 -12.75 -28.00
CA VAL B 55 18.78 -13.96 -27.25
C VAL B 55 17.57 -14.64 -26.65
N GLY B 56 16.39 -14.04 -26.73
CA GLY B 56 15.18 -14.63 -26.17
C GLY B 56 15.20 -14.71 -24.66
N LYS B 57 15.46 -13.59 -24.00
CA LYS B 57 15.55 -13.54 -22.54
C LYS B 57 14.93 -12.25 -22.04
N ASP B 58 14.36 -12.32 -20.83
CA ASP B 58 13.76 -11.15 -20.21
C ASP B 58 14.83 -10.33 -19.47
N TYR B 59 14.65 -9.02 -19.47
CA TYR B 59 15.49 -8.15 -18.65
C TYR B 59 14.63 -7.03 -18.07
N LEU B 60 15.16 -6.40 -17.02
CA LEU B 60 14.42 -5.38 -16.29
C LEU B 60 14.90 -3.99 -16.69
N LEU B 61 13.97 -3.05 -16.75
CA LEU B 61 14.24 -1.68 -17.14
C LEU B 61 14.37 -0.77 -15.92
N CYS B 62 15.24 0.22 -16.05
CA CYS B 62 15.40 1.29 -15.06
C CYS B 62 16.14 2.43 -15.75
N ASP B 63 16.44 3.48 -14.97
CA ASP B 63 17.14 4.60 -15.59
C ASP B 63 18.60 4.28 -15.87
N TYR B 64 19.19 3.32 -15.16
CA TYR B 64 20.63 3.10 -15.27
C TYR B 64 21.00 2.44 -16.61
N ASN B 65 20.09 1.70 -17.22
CA ASN B 65 20.34 1.10 -18.53
C ASN B 65 19.57 1.80 -19.64
N ARG B 66 19.20 3.07 -19.42
CA ARG B 66 18.46 3.85 -20.40
C ARG B 66 19.38 4.87 -21.07
N ASP B 67 19.20 5.04 -22.38
CA ASP B 67 19.82 6.13 -23.14
C ASP B 67 18.72 6.69 -24.02
N GLY B 68 18.27 7.90 -23.71
CA GLY B 68 17.13 8.48 -24.41
C GLY B 68 15.88 7.68 -24.17
N ASP B 69 15.27 7.17 -25.25
CA ASP B 69 14.10 6.32 -25.17
C ASP B 69 14.44 4.84 -25.35
N SER B 70 15.72 4.51 -25.42
CA SER B 70 16.18 3.14 -25.62
C SER B 70 16.68 2.55 -24.31
N TYR B 71 16.68 1.22 -24.25
CA TYR B 71 17.16 0.51 -23.06
C TYR B 71 18.12 -0.59 -23.48
N ARG B 72 19.18 -0.76 -22.70
CA ARG B 72 20.27 -1.68 -23.01
C ARG B 72 20.04 -3.02 -22.35
N SER B 73 20.11 -4.10 -23.13
CA SER B 73 19.95 -5.43 -22.56
C SER B 73 21.26 -5.88 -21.89
N PRO B 74 21.18 -6.47 -20.70
CA PRO B 74 22.40 -7.00 -20.08
C PRO B 74 22.93 -8.25 -20.77
N TRP B 75 22.12 -8.92 -21.56
CA TRP B 75 22.51 -10.16 -22.22
C TRP B 75 23.23 -9.91 -23.55
N SER B 76 22.70 -9.02 -24.38
CA SER B 76 23.28 -8.75 -25.69
C SER B 76 24.08 -7.45 -25.74
N ASN B 77 24.02 -6.63 -24.70
CA ASN B 77 24.71 -5.33 -24.67
C ASN B 77 24.27 -4.45 -25.85
N LYS B 78 23.00 -4.56 -26.23
CA LYS B 78 22.44 -3.79 -27.33
C LYS B 78 21.23 -3.00 -26.84
N TYR B 79 20.95 -1.88 -27.51
CA TYR B 79 19.82 -1.04 -27.15
C TYR B 79 18.60 -1.41 -27.98
N ASP B 80 17.44 -1.31 -27.36
CA ASP B 80 16.15 -1.51 -28.04
C ASP B 80 15.24 -0.35 -27.71
N PRO B 81 14.86 0.49 -28.70
CA PRO B 81 15.24 0.42 -30.11
C PRO B 81 16.72 0.71 -30.35
N PRO B 82 17.28 0.18 -31.45
CA PRO B 82 18.72 0.31 -31.68
C PRO B 82 19.19 1.76 -31.64
N LEU B 83 20.43 1.93 -31.17
CA LEU B 83 21.07 3.23 -31.03
C LEU B 83 22.42 3.17 -31.73
N GLU B 84 22.80 4.24 -32.43
CA GLU B 84 24.10 4.26 -33.09
C GLU B 84 25.24 4.30 -32.07
N ASP B 85 25.17 5.22 -31.12
CA ASP B 85 26.24 5.47 -30.15
C ASP B 85 25.68 5.53 -28.74
N GLY B 86 24.89 4.53 -28.37
CA GLY B 86 24.35 4.47 -27.02
C GLY B 86 25.43 4.30 -25.98
N ALA B 87 25.14 4.81 -24.77
CA ALA B 87 26.10 4.71 -23.69
C ALA B 87 26.36 3.26 -23.31
N MET B 88 27.63 2.88 -23.26
CA MET B 88 28.06 1.53 -22.96
C MET B 88 29.12 1.55 -21.86
N PRO B 89 29.14 0.54 -21.00
CA PRO B 89 30.26 0.39 -20.07
C PRO B 89 31.54 0.06 -20.82
N SER B 90 32.67 0.32 -20.17
CA SER B 90 33.95 -0.01 -20.75
C SER B 90 34.06 -1.51 -20.98
N ALA B 91 34.99 -1.89 -21.87
CA ALA B 91 35.19 -3.31 -22.17
C ALA B 91 35.47 -4.10 -20.90
N ARG B 92 36.25 -3.52 -19.99
CA ARG B 92 36.58 -4.19 -18.74
C ARG B 92 35.35 -4.35 -17.87
N LEU B 93 34.54 -3.28 -17.73
CA LEU B 93 33.35 -3.36 -16.90
C LEU B 93 32.33 -4.30 -17.52
N ARG B 94 32.22 -4.31 -18.86
CA ARG B 94 31.29 -5.21 -19.52
C ARG B 94 31.60 -6.66 -19.17
N LYS B 95 32.88 -7.02 -19.13
CA LYS B 95 33.27 -8.38 -18.73
C LYS B 95 32.81 -8.69 -17.32
N LEU B 96 32.99 -7.74 -16.38
CA LEU B 96 32.50 -7.95 -15.03
C LEU B 96 30.97 -7.92 -14.97
N GLU B 97 30.35 -7.18 -15.89
CA GLU B 97 28.90 -7.10 -15.95
C GLU B 97 28.29 -8.43 -16.38
N VAL B 98 28.92 -9.10 -17.34
CA VAL B 98 28.46 -10.42 -17.78
C VAL B 98 28.59 -11.43 -16.65
N GLU B 99 29.72 -11.41 -15.95
CA GLU B 99 29.90 -12.33 -14.83
C GLU B 99 28.88 -12.03 -13.73
N ALA B 100 28.57 -10.76 -13.50
CA ALA B 100 27.64 -10.41 -12.44
C ALA B 100 26.22 -10.83 -12.80
N ASN B 101 25.85 -10.76 -14.08
CA ASN B 101 24.51 -11.19 -14.47
C ASN B 101 24.38 -12.70 -14.37
N ASN B 102 25.44 -13.44 -14.72
CA ASN B 102 25.43 -14.89 -14.55
C ASN B 102 25.34 -15.27 -13.07
N ALA B 103 26.09 -14.58 -12.23
CA ALA B 103 26.10 -14.88 -10.80
C ALA B 103 24.75 -14.63 -10.16
N PHE B 104 24.16 -13.46 -10.43
CA PHE B 104 22.90 -13.10 -9.79
C PHE B 104 21.71 -13.81 -10.39
N ASP B 105 21.83 -14.35 -11.62
CA ASP B 105 20.77 -15.21 -12.14
C ASP B 105 20.67 -16.51 -11.33
N GLN B 106 21.82 -17.05 -10.90
CA GLN B 106 21.81 -18.22 -10.03
C GLN B 106 21.31 -17.87 -8.64
N TYR B 107 21.76 -16.73 -8.11
CA TYR B 107 21.24 -16.23 -6.84
C TYR B 107 19.72 -16.11 -6.88
N ARG B 108 19.19 -15.53 -7.96
CA ARG B 108 17.75 -15.41 -8.12
C ARG B 108 17.10 -16.78 -8.18
N ASP B 109 17.73 -17.73 -8.87
CA ASP B 109 17.15 -19.06 -9.00
C ASP B 109 17.07 -19.76 -7.64
N LEU B 110 18.08 -19.55 -6.79
CA LEU B 110 18.16 -20.28 -5.53
C LEU B 110 17.25 -19.68 -4.46
N TYR B 111 17.12 -18.36 -4.43
CA TYR B 111 16.29 -17.70 -3.42
C TYR B 111 14.87 -17.44 -3.89
N PHE B 112 14.65 -17.27 -5.20
CA PHE B 112 13.32 -16.92 -5.69
C PHE B 112 12.67 -18.02 -6.51
N GLU B 113 13.47 -18.96 -7.06
CA GLU B 113 12.94 -20.07 -7.86
C GLU B 113 12.06 -19.57 -9.00
N GLY B 114 12.53 -18.54 -9.69
CA GLY B 114 11.75 -17.91 -10.73
C GLY B 114 12.07 -16.43 -10.80
N GLY B 115 11.17 -15.69 -11.42
CA GLY B 115 11.38 -14.26 -11.56
C GLY B 115 12.44 -13.94 -12.61
N VAL B 116 12.79 -12.66 -12.65
CA VAL B 116 13.75 -12.11 -13.60
C VAL B 116 14.76 -11.25 -12.84
N SER B 117 16.02 -11.30 -13.27
CA SER B 117 17.08 -10.49 -12.69
C SER B 117 17.84 -9.76 -13.79
N SER B 118 18.49 -8.65 -13.42
CA SER B 118 19.30 -7.88 -14.36
C SER B 118 20.34 -7.11 -13.57
N VAL B 119 21.55 -7.00 -14.12
CA VAL B 119 22.64 -6.27 -13.48
C VAL B 119 23.25 -5.32 -14.49
N TYR B 120 23.42 -4.05 -14.10
CA TYR B 120 24.06 -3.03 -14.93
C TYR B 120 25.15 -2.36 -14.13
N LEU B 121 26.33 -2.21 -14.74
CA LEU B 121 27.47 -1.56 -14.10
C LEU B 121 27.90 -0.34 -14.90
N TRP B 122 28.48 0.63 -14.19
CA TRP B 122 29.01 1.82 -14.86
C TRP B 122 30.20 2.34 -14.07
N ASP B 123 31.09 3.03 -14.78
CA ASP B 123 32.34 3.51 -14.21
C ASP B 123 32.11 4.76 -13.38
N LEU B 124 32.95 4.93 -12.37
CA LEU B 124 33.03 6.14 -11.56
C LEU B 124 34.45 6.68 -11.63
N ASP B 125 34.63 7.90 -11.12
CA ASP B 125 35.93 8.56 -11.20
C ASP B 125 37.02 7.70 -10.57
N HIS B 126 36.76 7.13 -9.41
CA HIS B 126 37.67 6.18 -8.75
C HIS B 126 36.82 5.01 -8.27
N GLY B 127 36.82 3.92 -9.03
CA GLY B 127 35.96 2.78 -8.77
C GLY B 127 34.79 2.71 -9.73
N PHE B 128 33.80 1.90 -9.37
CA PHE B 128 32.62 1.73 -10.21
C PHE B 128 31.38 1.57 -9.34
N ALA B 129 30.22 1.61 -10.00
CA ALA B 129 28.94 1.42 -9.36
C ALA B 129 28.09 0.47 -10.19
N GLY B 130 26.97 0.06 -9.63
CA GLY B 130 26.10 -0.87 -10.34
C GLY B 130 24.75 -0.94 -9.68
N VAL B 131 23.82 -1.57 -10.38
CA VAL B 131 22.47 -1.80 -9.85
C VAL B 131 22.13 -3.27 -10.06
N ILE B 132 21.53 -3.88 -9.04
CA ILE B 132 21.06 -5.26 -9.10
C ILE B 132 19.54 -5.22 -8.96
N LEU B 133 18.85 -5.74 -9.96
CA LEU B 133 17.40 -5.69 -10.00
C LEU B 133 16.84 -7.10 -10.04
N ILE B 134 15.84 -7.36 -9.20
CA ILE B 134 15.18 -8.65 -9.13
C ILE B 134 13.67 -8.43 -9.04
N LYS B 135 12.91 -9.15 -9.86
CA LYS B 135 11.45 -9.09 -9.84
C LYS B 135 10.90 -10.50 -9.84
N LYS B 136 10.01 -10.80 -8.91
CA LYS B 136 9.41 -12.12 -8.80
C LYS B 136 7.94 -11.95 -8.47
N ALA B 137 7.08 -12.31 -9.42
CA ALA B 137 5.65 -12.31 -9.17
C ALA B 137 5.19 -13.70 -8.72
N GLY B 138 4.01 -13.74 -8.08
CA GLY B 138 3.43 -15.01 -7.73
C GLY B 138 2.73 -15.66 -8.92
N ASP B 139 2.64 -16.99 -8.87
CA ASP B 139 2.01 -17.72 -9.96
C ASP B 139 0.49 -17.76 -9.81
N GLY B 140 0.00 -18.21 -8.67
CA GLY B 140 -1.43 -18.29 -8.43
C GLY B 140 -1.81 -19.19 -7.27
N ILE B 144 -1.23 -16.26 -2.36
CA ILE B 144 -1.91 -16.62 -3.59
C ILE B 144 -1.29 -15.84 -4.76
N LYS B 145 -1.26 -14.52 -4.66
CA LYS B 145 -0.65 -13.67 -5.67
C LYS B 145 0.10 -12.53 -4.99
N GLY B 146 1.05 -11.98 -5.72
CA GLY B 146 1.87 -10.90 -5.19
C GLY B 146 3.05 -10.62 -6.09
N CYS B 147 3.92 -9.74 -5.63
CA CYS B 147 5.09 -9.36 -6.40
C CYS B 147 6.16 -8.84 -5.46
N TRP B 148 7.41 -9.25 -5.72
CA TRP B 148 8.59 -8.76 -5.02
C TRP B 148 9.47 -8.02 -6.01
N ASP B 149 9.82 -6.78 -5.68
CA ASP B 149 10.70 -5.96 -6.51
C ASP B 149 11.83 -5.46 -5.62
N SER B 150 13.07 -5.79 -5.98
CA SER B 150 14.23 -5.34 -5.22
C SER B 150 15.18 -4.56 -6.13
N ILE B 151 15.70 -3.45 -5.60
CA ILE B 151 16.63 -2.58 -6.29
C ILE B 151 17.82 -2.35 -5.37
N HIS B 152 18.98 -2.87 -5.75
CA HIS B 152 20.22 -2.71 -4.99
C HIS B 152 21.16 -1.80 -5.78
N VAL B 153 21.56 -0.69 -5.17
CA VAL B 153 22.54 0.22 -5.77
C VAL B 153 23.82 0.11 -4.97
N VAL B 154 24.88 -0.38 -5.61
CA VAL B 154 26.15 -0.61 -4.96
C VAL B 154 27.21 0.30 -5.55
N GLU B 155 28.14 0.75 -4.70
CA GLU B 155 29.27 1.56 -5.12
C GLU B 155 30.55 0.91 -4.61
N VAL B 156 31.51 0.70 -5.51
CA VAL B 156 32.77 0.06 -5.19
C VAL B 156 33.87 1.10 -5.31
N GLN B 157 34.39 1.55 -4.18
CA GLN B 157 35.45 2.55 -4.13
C GLN B 157 36.79 1.83 -4.01
N GLU B 158 37.59 1.88 -5.07
CA GLU B 158 38.90 1.23 -5.06
C GLU B 158 40.00 2.23 -4.74
N THR B 164 41.75 -4.78 -1.40
CA THR B 164 40.94 -4.13 -0.37
C THR B 164 40.17 -2.94 -0.93
N ALA B 165 38.84 -3.09 -1.02
CA ALA B 165 37.97 -2.04 -1.55
C ALA B 165 36.84 -1.77 -0.57
N HIS B 166 36.24 -0.58 -0.70
CA HIS B 166 35.10 -0.19 0.12
C HIS B 166 33.82 -0.34 -0.70
N TYR B 167 32.82 -1.01 -0.13
CA TYR B 167 31.55 -1.25 -0.78
C TYR B 167 30.45 -0.53 -0.02
N LYS B 168 29.58 0.17 -0.74
CA LYS B 168 28.42 0.83 -0.16
C LYS B 168 27.17 0.33 -0.87
N LEU B 169 26.17 -0.06 -0.09
CA LEU B 169 24.97 -0.70 -0.63
C LEU B 169 23.72 0.06 -0.18
N THR B 170 22.90 0.47 -1.15
CA THR B 170 21.59 1.05 -0.90
C THR B 170 20.55 0.16 -1.56
N SER B 171 19.61 -0.35 -0.76
CA SER B 171 18.67 -1.36 -1.22
C SER B 171 17.24 -0.96 -0.90
N THR B 172 16.36 -1.16 -1.85
CA THR B 172 14.92 -0.97 -1.66
C THR B 172 14.19 -2.23 -2.10
N VAL B 173 13.29 -2.71 -1.25
CA VAL B 173 12.43 -3.84 -1.58
C VAL B 173 10.99 -3.36 -1.57
N MET B 174 10.29 -3.57 -2.68
CA MET B 174 8.85 -3.34 -2.76
C MET B 174 8.16 -4.69 -2.82
N LEU B 175 7.13 -4.88 -2.00
CA LEU B 175 6.57 -6.21 -1.79
C LEU B 175 5.08 -6.07 -1.50
N TRP B 176 4.24 -6.71 -2.31
CA TRP B 176 2.83 -6.78 -2.02
C TRP B 176 2.34 -8.22 -2.13
N LEU B 177 1.27 -8.52 -1.38
CA LEU B 177 0.71 -9.87 -1.31
C LEU B 177 -0.79 -9.76 -1.13
N GLN B 178 -1.53 -10.67 -1.77
CA GLN B 178 -2.97 -10.74 -1.63
C GLN B 178 -3.41 -12.19 -1.52
N THR B 179 -4.32 -12.45 -0.57
CA THR B 179 -4.98 -13.74 -0.45
C THR B 179 -6.49 -13.52 -0.49
N ASN B 180 -7.20 -14.52 -1.02
CA ASN B 180 -8.65 -14.50 -1.10
C ASN B 180 -9.15 -15.82 -0.54
N LYS B 181 -9.62 -15.80 0.70
CA LYS B 181 -9.96 -17.01 1.43
C LYS B 181 -11.34 -16.89 2.05
N THR B 182 -11.90 -18.04 2.45
CA THR B 182 -13.27 -18.08 2.96
C THR B 182 -13.39 -17.35 4.29
N GLY B 183 -12.47 -17.64 5.22
CA GLY B 183 -12.60 -17.09 6.56
C GLY B 183 -12.23 -15.61 6.62
N SER B 184 -11.09 -15.25 6.02
CA SER B 184 -10.54 -13.92 6.12
C SER B 184 -10.86 -13.02 4.92
N GLY B 185 -11.62 -13.53 3.95
CA GLY B 185 -11.93 -12.71 2.79
C GLY B 185 -10.68 -12.36 2.00
N THR B 186 -10.61 -11.11 1.55
CA THR B 186 -9.48 -10.60 0.78
C THR B 186 -8.56 -9.84 1.72
N MET B 187 -7.29 -10.25 1.77
CA MET B 187 -6.27 -9.59 2.58
C MET B 187 -5.14 -9.12 1.67
N ASN B 188 -4.81 -7.83 1.76
CA ASN B 188 -3.78 -7.23 0.93
C ASN B 188 -2.74 -6.56 1.83
N LEU B 189 -1.47 -6.92 1.64
CA LEU B 189 -0.36 -6.32 2.36
C LEU B 189 0.63 -5.78 1.34
N GLY B 190 0.88 -4.48 1.40
CA GLY B 190 1.82 -3.84 0.48
C GLY B 190 2.64 -2.80 1.19
N GLY B 191 3.86 -2.59 0.69
CA GLY B 191 4.74 -1.60 1.27
C GLY B 191 6.14 -1.74 0.74
N SER B 192 7.08 -1.06 1.43
CA SER B 192 8.47 -1.05 1.01
C SER B 192 9.38 -0.81 2.19
N LEU B 193 10.65 -1.13 1.99
CA LEU B 193 11.68 -0.92 2.99
C LEU B 193 12.98 -0.58 2.27
N THR B 194 13.68 0.46 2.75
CA THR B 194 14.96 0.87 2.22
C THR B 194 16.02 0.82 3.31
N ARG B 195 17.12 0.12 3.04
CA ARG B 195 18.19 -0.08 4.00
C ARG B 195 19.54 0.26 3.35
N GLN B 196 20.58 0.29 4.18
CA GLN B 196 21.92 0.62 3.72
C GLN B 196 22.94 -0.19 4.52
N MET B 197 24.01 -0.60 3.84
CA MET B 197 25.12 -1.31 4.47
C MET B 197 26.42 -0.93 3.76
N GLU B 198 27.50 -0.86 4.53
CA GLU B 198 28.82 -0.59 3.96
C GLU B 198 29.89 -1.30 4.78
N LYS B 199 30.95 -1.70 4.12
CA LYS B 199 32.04 -2.42 4.76
C LYS B 199 33.24 -2.43 3.81
N ASP B 200 34.37 -2.91 4.32
CA ASP B 200 35.58 -3.11 3.53
C ASP B 200 35.80 -4.60 3.31
N GLU B 201 36.24 -4.96 2.11
CA GLU B 201 36.48 -6.35 1.77
C GLU B 201 37.76 -6.46 0.94
N THR B 202 38.51 -7.53 1.16
CA THR B 202 39.70 -7.79 0.37
C THR B 202 39.31 -8.38 -0.98
N VAL B 203 39.95 -7.87 -2.03
CA VAL B 203 39.70 -8.32 -3.40
C VAL B 203 40.86 -9.20 -3.84
N SER B 204 40.54 -10.36 -4.38
CA SER B 204 41.57 -11.32 -4.81
C SER B 204 40.93 -12.30 -5.78
N ASP B 205 41.76 -13.20 -6.32
N ASP B 205 41.74 -13.20 -6.31
CA ASP B 205 41.24 -14.22 -7.23
CA ASP B 205 41.24 -14.22 -7.23
C ASP B 205 40.24 -15.14 -6.53
C ASP B 205 40.30 -15.20 -6.54
N SER B 206 40.36 -15.30 -5.22
CA SER B 206 39.47 -16.15 -4.46
C SER B 206 38.30 -15.39 -3.83
N SER B 207 38.39 -14.07 -3.76
CA SER B 207 37.32 -13.22 -3.23
C SER B 207 37.14 -12.02 -4.15
N PRO B 208 36.66 -12.25 -5.39
CA PRO B 208 36.57 -11.15 -6.35
C PRO B 208 35.46 -10.16 -6.04
N HIS B 209 35.35 -9.12 -6.87
CA HIS B 209 34.38 -8.06 -6.63
C HIS B 209 32.96 -8.59 -6.55
N ILE B 210 32.60 -9.50 -7.46
CA ILE B 210 31.23 -9.97 -7.55
C ILE B 210 30.88 -10.86 -6.35
N ALA B 211 31.85 -11.63 -5.85
CA ALA B 211 31.62 -12.38 -4.63
C ALA B 211 31.37 -11.45 -3.45
N ASN B 212 32.13 -10.35 -3.38
CA ASN B 212 31.91 -9.36 -2.33
C ASN B 212 30.55 -8.68 -2.47
N ILE B 213 30.13 -8.39 -3.70
CA ILE B 213 28.85 -7.72 -3.91
C ILE B 213 27.71 -8.70 -3.66
N GLY B 214 27.87 -9.95 -4.10
CA GLY B 214 26.84 -10.94 -3.88
C GLY B 214 26.57 -11.20 -2.40
N ARG B 215 27.64 -11.34 -1.61
CA ARG B 215 27.46 -11.55 -0.18
C ARG B 215 26.76 -10.38 0.48
N LEU B 216 27.02 -9.17 0.01
CA LEU B 216 26.37 -7.98 0.55
C LEU B 216 24.89 -7.94 0.18
N VAL B 217 24.57 -8.28 -1.07
CA VAL B 217 23.18 -8.30 -1.50
C VAL B 217 22.43 -9.43 -0.81
N GLU B 218 23.09 -10.58 -0.64
CA GLU B 218 22.46 -11.71 0.03
C GLU B 218 22.14 -11.39 1.48
N ASP B 219 23.09 -10.77 2.20
CA ASP B 219 22.84 -10.37 3.58
C ASP B 219 21.72 -9.34 3.67
N MET B 220 21.69 -8.40 2.73
CA MET B 220 20.70 -7.33 2.76
C MET B 220 19.29 -7.87 2.55
N GLU B 221 19.09 -8.69 1.53
CA GLU B 221 17.75 -9.20 1.24
C GLU B 221 17.25 -10.10 2.36
N ASN B 222 18.14 -10.91 2.94
CA ASN B 222 17.76 -11.77 4.05
C ASN B 222 17.34 -10.95 5.26
N LYS B 223 18.08 -9.89 5.57
CA LYS B 223 17.73 -9.05 6.71
C LYS B 223 16.47 -8.23 6.43
N ILE B 224 16.33 -7.73 5.21
CA ILE B 224 15.12 -6.98 4.86
C ILE B 224 13.90 -7.91 4.89
N ARG B 225 14.04 -9.12 4.37
CA ARG B 225 12.92 -10.06 4.39
C ARG B 225 12.49 -10.37 5.82
N SER B 226 13.46 -10.63 6.70
CA SER B 226 13.13 -10.89 8.10
C SER B 226 12.49 -9.68 8.75
N THR B 227 12.96 -8.48 8.41
CA THR B 227 12.38 -7.25 8.96
C THR B 227 10.97 -7.04 8.43
N LEU B 228 10.74 -7.28 7.14
CA LEU B 228 9.38 -7.15 6.59
C LEU B 228 8.43 -8.12 7.25
N ASN B 229 8.89 -9.34 7.54
CA ASN B 229 8.02 -10.34 8.14
C ASN B 229 7.73 -10.00 9.61
N GLU B 230 8.78 -9.71 10.38
CA GLU B 230 8.67 -9.62 11.83
C GLU B 230 8.23 -8.25 12.32
N ILE B 231 8.95 -7.20 11.92
CA ILE B 231 8.70 -5.87 12.50
C ILE B 231 7.47 -5.24 11.86
N TYR B 232 7.37 -5.29 10.53
CA TYR B 232 6.35 -4.52 9.82
C TYR B 232 5.04 -5.27 9.69
N PHE B 233 5.07 -6.45 9.07
CA PHE B 233 3.84 -7.23 8.93
C PHE B 233 3.29 -7.63 10.30
N GLY B 234 4.17 -8.01 11.23
CA GLY B 234 3.73 -8.39 12.55
C GLY B 234 3.11 -7.23 13.32
N LYS B 235 3.53 -6.00 13.01
CA LYS B 235 2.94 -4.83 13.65
C LYS B 235 1.49 -4.63 13.19
N THR B 236 1.23 -4.83 11.89
CA THR B 236 -0.13 -4.66 11.40
C THR B 236 -1.07 -5.69 12.00
N LYS B 237 -0.58 -6.91 12.23
CA LYS B 237 -1.39 -7.93 12.88
C LYS B 237 -1.75 -7.51 14.30
N ASP B 238 -0.78 -7.01 15.06
CA ASP B 238 -1.07 -6.52 16.40
C ASP B 238 -2.05 -5.35 16.37
N ILE B 239 -1.92 -4.48 15.37
CA ILE B 239 -2.82 -3.33 15.26
C ILE B 239 -4.25 -3.81 15.01
N VAL B 240 -4.41 -4.82 14.16
CA VAL B 240 -5.74 -5.33 13.86
C VAL B 240 -6.39 -5.90 15.12
N ASN B 241 -5.62 -6.67 15.90
CA ASN B 241 -6.13 -7.22 17.14
C ASN B 241 -6.40 -6.15 18.20
N GLY B 242 -5.88 -4.93 18.01
CA GLY B 242 -6.17 -3.83 18.92
C GLY B 242 -7.35 -2.99 18.49
N LEU B 243 -7.73 -3.09 17.22
CA LEU B 243 -8.89 -2.36 16.72
C LEU B 243 -10.20 -2.90 17.26
N ARG B 244 -10.22 -4.18 17.65
CA ARG B 244 -11.44 -4.81 18.13
C ARG B 244 -11.11 -5.92 19.11
N ALA C 8 22.34 8.01 6.61
CA ALA C 8 22.00 7.68 5.24
C ALA C 8 22.99 8.29 4.25
N PHE C 9 23.97 7.50 3.81
CA PHE C 9 24.96 8.00 2.87
C PHE C 9 24.40 8.05 1.47
N ALA C 10 24.97 8.94 0.65
CA ALA C 10 24.42 9.21 -0.66
C ALA C 10 24.68 8.05 -1.62
N LYS C 11 23.75 7.86 -2.55
CA LYS C 11 23.94 6.88 -3.61
C LYS C 11 25.02 7.36 -4.57
N PRO C 12 25.69 6.45 -5.26
CA PRO C 12 26.68 6.87 -6.27
C PRO C 12 26.01 7.56 -7.44
N LYS C 13 26.77 8.41 -8.12
CA LYS C 13 26.27 9.04 -9.32
C LYS C 13 25.99 7.97 -10.38
N GLY C 14 24.95 8.23 -11.18
CA GLY C 14 24.59 7.31 -12.23
C GLY C 14 25.62 7.29 -13.35
N PRO C 15 25.33 6.54 -14.41
CA PRO C 15 26.23 6.51 -15.56
C PRO C 15 26.28 7.88 -16.25
N GLY C 16 27.42 8.15 -16.88
CA GLY C 16 27.54 9.33 -17.70
C GLY C 16 27.19 9.06 -19.15
N GLY C 17 27.14 10.13 -19.94
CA GLY C 17 26.96 9.98 -21.37
C GLY C 17 25.79 10.73 -21.99
N LYS C 18 25.29 11.76 -21.32
CA LYS C 18 24.21 12.61 -21.84
C LYS C 18 23.03 11.79 -22.35
N ARG C 19 22.44 11.03 -21.43
CA ARG C 19 21.46 10.02 -21.79
C ARG C 19 20.03 10.53 -21.79
N GLY C 20 19.81 11.82 -21.56
CA GLY C 20 18.48 12.39 -21.56
C GLY C 20 17.89 12.46 -20.16
N HIS C 21 16.62 12.86 -20.12
CA HIS C 21 15.92 13.08 -18.86
C HIS C 21 15.22 11.80 -18.40
N LYS C 22 14.95 11.74 -17.10
CA LYS C 22 14.24 10.60 -16.53
C LYS C 22 12.79 10.61 -16.99
N ARG C 23 12.22 9.42 -17.15
CA ARG C 23 10.86 9.28 -17.68
C ARG C 23 10.23 8.01 -17.13
N LEU C 24 8.90 8.01 -17.09
CA LEU C 24 8.15 6.82 -16.73
C LEU C 24 8.12 5.83 -17.89
N ILE C 25 7.84 4.58 -17.57
CA ILE C 25 7.74 3.51 -18.55
C ILE C 25 6.30 3.04 -18.62
N ARG C 26 5.75 3.02 -19.84
CA ARG C 26 4.38 2.55 -20.05
C ARG C 26 4.33 1.04 -20.27
#